data_1AYA
#
_entry.id   1AYA
#
_cell.length_a   33.800
_cell.length_b   52.700
_cell.length_c   56.400
_cell.angle_alpha   90.00
_cell.angle_beta   101.10
_cell.angle_gamma   90.00
#
_symmetry.space_group_name_H-M   'P 1 21 1'
#
loop_
_entity.id
_entity.type
_entity.pdbx_description
1 polymer 'PROTEIN-TYROSINE PHOSPHATASE SYP (N-TERMINAL SH2 DOMAIN)'
2 polymer 'PEPTIDE PDGFR-1009'
3 water water
#
loop_
_entity_poly.entity_id
_entity_poly.type
_entity_poly.pdbx_seq_one_letter_code
_entity_poly.pdbx_strand_id
1 'polypeptide(L)'
;MRRWFHPNITGVEAENLLLTRGVDGSFLARPSKSNPGDFTLSVRRNGAVTHIKIQNTGDYYDLYGGEKFATLAELVQYYM
EHHGQLKEKNGDVIELKYPLN
;
A,B
2 'polypeptide(L)' SVL(PTR)TAVQPNE P,Q
#
# COMPACT_ATOMS: atom_id res chain seq x y z
N MET A 1 -1.35 -43.14 9.86
CA MET A 1 -1.28 -43.49 11.27
C MET A 1 0.11 -43.26 11.89
N ARG A 2 0.23 -42.67 13.11
CA ARG A 2 1.42 -42.56 13.98
C ARG A 2 1.13 -41.52 15.08
N ARG A 3 1.99 -41.30 16.12
CA ARG A 3 1.97 -40.37 17.29
C ARG A 3 1.56 -38.86 17.22
N TRP A 4 0.87 -38.56 16.14
CA TRP A 4 0.27 -37.28 15.87
C TRP A 4 -1.17 -37.56 15.45
N PHE A 5 -1.57 -38.81 15.20
CA PHE A 5 -2.88 -39.08 14.69
C PHE A 5 -3.82 -39.31 15.86
N HIS A 6 -4.86 -38.50 15.80
CA HIS A 6 -5.94 -38.54 16.75
C HIS A 6 -7.14 -38.97 15.94
N PRO A 7 -7.56 -40.23 16.08
CA PRO A 7 -8.72 -40.79 15.42
C PRO A 7 -10.07 -40.24 15.86
N ASN A 8 -10.20 -39.46 16.94
CA ASN A 8 -11.51 -39.05 17.41
C ASN A 8 -11.44 -37.73 18.18
N ILE A 9 -11.25 -36.67 17.41
CA ILE A 9 -11.13 -35.31 17.90
C ILE A 9 -11.81 -34.45 16.83
N THR A 10 -12.50 -33.37 17.18
CA THR A 10 -13.11 -32.58 16.14
C THR A 10 -12.13 -31.47 15.84
N GLY A 11 -12.35 -30.63 14.83
CA GLY A 11 -11.47 -29.50 14.52
C GLY A 11 -11.23 -28.48 15.64
N VAL A 12 -12.34 -28.26 16.31
CA VAL A 12 -12.51 -27.37 17.42
C VAL A 12 -11.74 -27.85 18.61
N GLU A 13 -11.96 -29.12 18.95
CA GLU A 13 -11.24 -29.77 20.05
C GLU A 13 -9.75 -29.72 19.73
N ALA A 14 -9.41 -29.97 18.47
CA ALA A 14 -8.03 -29.94 18.01
C ALA A 14 -7.40 -28.58 18.20
N GLU A 15 -8.08 -27.50 17.79
CA GLU A 15 -7.50 -26.20 18.05
C GLU A 15 -7.57 -25.83 19.55
N ASN A 16 -8.49 -26.34 20.37
CA ASN A 16 -8.39 -26.11 21.82
C ASN A 16 -7.28 -26.86 22.47
N LEU A 17 -7.00 -28.04 21.95
CA LEU A 17 -5.94 -28.88 22.44
C LEU A 17 -4.67 -28.16 22.03
N LEU A 18 -4.56 -27.69 20.79
CA LEU A 18 -3.31 -27.10 20.34
C LEU A 18 -3.03 -25.78 21.05
N LEU A 19 -4.08 -25.00 21.31
CA LEU A 19 -3.95 -23.75 22.01
C LEU A 19 -3.70 -23.89 23.48
N THR A 20 -4.14 -25.00 24.12
CA THR A 20 -3.86 -25.20 25.53
C THR A 20 -2.60 -26.04 25.73
N ARG A 21 -2.44 -27.27 25.23
CA ARG A 21 -1.20 -28.03 25.43
C ARG A 21 -0.10 -27.85 24.39
N GLY A 22 -0.44 -27.39 23.19
CA GLY A 22 0.57 -27.28 22.18
C GLY A 22 1.27 -25.94 22.33
N VAL A 23 2.32 -25.84 21.51
CA VAL A 23 3.19 -24.70 21.40
C VAL A 23 3.30 -24.48 19.93
N ASP A 24 3.90 -23.37 19.58
CA ASP A 24 4.16 -23.05 18.20
C ASP A 24 5.03 -24.11 17.53
N GLY A 25 4.43 -24.86 16.62
CA GLY A 25 5.12 -25.96 16.00
C GLY A 25 4.39 -27.28 16.14
N SER A 26 3.52 -27.35 17.16
CA SER A 26 2.69 -28.53 17.44
C SER A 26 1.63 -28.77 16.38
N PHE A 27 1.44 -30.03 16.02
CA PHE A 27 0.47 -30.42 15.02
C PHE A 27 -0.04 -31.80 15.40
N LEU A 28 -1.11 -32.17 14.71
CA LEU A 28 -1.77 -33.47 14.75
C LEU A 28 -2.49 -33.62 13.43
N ALA A 29 -2.91 -34.83 13.18
CA ALA A 29 -3.74 -35.14 12.06
C ALA A 29 -5.01 -35.68 12.73
N ARG A 30 -6.15 -35.36 12.13
CA ARG A 30 -7.43 -35.78 12.65
C ARG A 30 -8.35 -36.18 11.49
N PRO A 31 -9.49 -36.85 11.72
CA PRO A 31 -10.59 -36.97 10.79
C PRO A 31 -11.15 -35.64 10.25
N SER A 32 -11.53 -35.55 8.96
CA SER A 32 -12.12 -34.36 8.39
C SER A 32 -13.64 -34.33 8.55
N LYS A 33 -14.22 -33.26 9.09
CA LYS A 33 -15.67 -33.11 9.07
C LYS A 33 -16.18 -32.81 7.66
N SER A 34 -15.56 -32.01 6.77
CA SER A 34 -16.16 -31.73 5.47
C SER A 34 -16.06 -32.91 4.58
N ASN A 35 -15.00 -33.70 4.75
CA ASN A 35 -14.93 -34.87 3.94
C ASN A 35 -14.72 -36.00 4.89
N PRO A 36 -15.83 -36.60 5.36
CA PRO A 36 -15.79 -37.83 6.12
C PRO A 36 -15.03 -38.94 5.36
N GLY A 37 -14.11 -39.57 6.05
CA GLY A 37 -13.23 -40.58 5.48
C GLY A 37 -11.83 -40.03 5.25
N ASP A 38 -11.68 -38.70 5.16
CA ASP A 38 -10.38 -38.08 4.91
C ASP A 38 -9.91 -37.49 6.21
N PHE A 39 -8.68 -37.01 6.18
CA PHE A 39 -7.96 -36.46 7.32
C PHE A 39 -7.57 -35.02 7.04
N THR A 40 -7.28 -34.34 8.12
CA THR A 40 -6.97 -32.94 8.13
C THR A 40 -5.75 -32.84 9.03
N LEU A 41 -4.84 -31.91 8.71
CA LEU A 41 -3.77 -31.51 9.59
C LEU A 41 -4.15 -30.22 10.30
N SER A 42 -3.91 -30.10 11.60
CA SER A 42 -4.12 -28.85 12.31
C SER A 42 -2.77 -28.48 12.90
N VAL A 43 -2.32 -27.21 12.78
CA VAL A 43 -1.00 -26.79 13.21
C VAL A 43 -1.18 -25.49 13.95
N ARG A 44 -0.47 -25.38 15.05
CA ARG A 44 -0.40 -24.18 15.83
C ARG A 44 0.77 -23.41 15.26
N ARG A 45 0.46 -22.31 14.60
CA ARG A 45 1.48 -21.40 14.09
C ARG A 45 0.92 -20.02 14.16
N ASN A 46 1.90 -19.18 14.45
CA ASN A 46 1.78 -17.73 14.64
C ASN A 46 0.83 -17.59 15.83
N GLY A 47 -0.35 -16.98 15.91
CA GLY A 47 -1.02 -16.96 17.24
C GLY A 47 -2.33 -17.68 17.18
N ALA A 48 -2.37 -18.69 16.31
CA ALA A 48 -3.61 -19.31 15.91
C ALA A 48 -3.35 -20.76 15.56
N VAL A 49 -4.39 -21.40 14.97
CA VAL A 49 -4.32 -22.77 14.49
C VAL A 49 -4.66 -22.81 12.99
N THR A 50 -3.77 -23.38 12.17
CA THR A 50 -3.96 -23.63 10.74
C THR A 50 -4.48 -25.03 10.43
N HIS A 51 -5.46 -25.19 9.55
CA HIS A 51 -6.02 -26.48 9.20
C HIS A 51 -5.79 -26.65 7.72
N ILE A 52 -5.17 -27.75 7.36
CA ILE A 52 -4.82 -28.14 5.99
C ILE A 52 -5.59 -29.44 5.71
N LYS A 53 -6.41 -29.51 4.68
CA LYS A 53 -7.09 -30.73 4.23
C LYS A 53 -6.12 -31.63 3.44
N ILE A 54 -6.32 -32.94 3.58
CA ILE A 54 -5.40 -33.89 2.95
C ILE A 54 -6.32 -34.61 1.97
N GLN A 55 -5.95 -34.61 0.70
CA GLN A 55 -6.71 -35.34 -0.32
C GLN A 55 -6.33 -36.79 -0.35
N ASN A 56 -7.33 -37.63 -0.27
CA ASN A 56 -7.08 -39.03 -0.59
C ASN A 56 -7.83 -39.18 -1.91
N THR A 57 -7.20 -39.37 -3.06
CA THR A 57 -7.91 -39.42 -4.32
C THR A 57 -8.62 -40.72 -4.47
N GLY A 58 -8.13 -41.74 -3.79
CA GLY A 58 -8.61 -43.09 -4.00
C GLY A 58 -7.48 -43.89 -4.58
N ASP A 59 -6.44 -43.17 -5.04
CA ASP A 59 -5.21 -43.79 -5.46
C ASP A 59 -4.07 -43.36 -4.55
N TYR A 60 -4.08 -42.10 -4.13
CA TYR A 60 -2.97 -41.61 -3.35
C TYR A 60 -3.42 -40.51 -2.38
N TYR A 61 -2.54 -39.98 -1.55
CA TYR A 61 -2.85 -38.86 -0.66
C TYR A 61 -1.93 -37.71 -1.09
N ASP A 62 -2.39 -36.46 -1.01
CA ASP A 62 -1.55 -35.29 -1.21
C ASP A 62 -2.23 -34.05 -0.61
N LEU A 63 -1.64 -32.87 -0.77
CA LEU A 63 -2.23 -31.63 -0.28
C LEU A 63 -2.86 -30.87 -1.44
N TYR A 64 -3.82 -31.56 -2.11
CA TYR A 64 -4.52 -31.11 -3.33
C TYR A 64 -3.54 -30.42 -4.28
N GLY A 65 -2.46 -31.16 -4.56
CA GLY A 65 -1.31 -30.78 -5.37
C GLY A 65 -0.04 -31.13 -4.57
N GLY A 66 1.15 -30.86 -5.11
CA GLY A 66 2.39 -31.19 -4.44
C GLY A 66 2.76 -32.68 -4.53
N GLU A 67 3.66 -33.20 -3.68
CA GLU A 67 4.02 -34.62 -3.67
C GLU A 67 2.85 -35.51 -3.26
N LYS A 68 2.79 -36.72 -3.83
CA LYS A 68 1.74 -37.68 -3.61
C LYS A 68 2.37 -38.73 -2.74
N PHE A 69 1.57 -39.39 -1.88
CA PHE A 69 2.08 -40.49 -1.05
C PHE A 69 1.04 -41.60 -0.97
N ALA A 70 1.51 -42.84 -0.84
CA ALA A 70 0.67 -44.04 -0.76
C ALA A 70 -0.08 -44.15 0.56
N THR A 71 0.49 -43.73 1.70
CA THR A 71 -0.18 -43.80 2.97
C THR A 71 -0.20 -42.40 3.56
N LEU A 72 -1.08 -42.11 4.52
CA LEU A 72 -1.09 -40.82 5.18
C LEU A 72 0.19 -40.57 5.96
N ALA A 73 0.76 -41.59 6.61
CA ALA A 73 1.95 -41.35 7.40
C ALA A 73 3.14 -40.85 6.57
N GLU A 74 3.28 -41.29 5.30
CA GLU A 74 4.36 -40.86 4.42
C GLU A 74 4.22 -39.36 4.09
N LEU A 75 2.98 -38.89 3.91
CA LEU A 75 2.65 -37.49 3.71
C LEU A 75 3.27 -36.65 4.81
N VAL A 76 2.84 -36.96 6.04
CA VAL A 76 3.20 -36.14 7.21
C VAL A 76 4.69 -36.17 7.53
N GLN A 77 5.24 -37.36 7.44
CA GLN A 77 6.63 -37.62 7.72
C GLN A 77 7.44 -36.84 6.72
N TYR A 78 7.04 -36.82 5.44
CA TYR A 78 7.74 -36.05 4.44
C TYR A 78 7.78 -34.57 4.81
N TYR A 79 6.63 -33.92 5.03
CA TYR A 79 6.57 -32.50 5.37
C TYR A 79 7.23 -32.13 6.68
N MET A 80 7.25 -33.06 7.65
CA MET A 80 8.01 -32.91 8.86
C MET A 80 9.50 -32.90 8.54
N GLU A 81 10.07 -33.79 7.72
CA GLU A 81 11.49 -33.73 7.54
C GLU A 81 12.03 -32.82 6.46
N HIS A 82 11.36 -32.66 5.33
CA HIS A 82 11.85 -31.80 4.27
C HIS A 82 11.59 -30.34 4.58
N HIS A 83 12.61 -29.62 5.06
CA HIS A 83 12.50 -28.20 5.39
C HIS A 83 12.03 -27.36 4.24
N GLY A 84 11.08 -26.47 4.55
CA GLY A 84 10.52 -25.52 3.61
C GLY A 84 9.50 -26.02 2.59
N GLN A 85 9.08 -27.29 2.59
CA GLN A 85 8.18 -27.82 1.56
C GLN A 85 6.70 -27.58 1.82
N LEU A 86 6.34 -27.39 3.08
CA LEU A 86 4.98 -27.03 3.37
C LEU A 86 4.89 -25.50 3.42
N LYS A 87 4.04 -24.96 2.59
CA LYS A 87 3.84 -23.55 2.47
C LYS A 87 2.36 -23.27 2.33
N GLU A 88 1.83 -22.21 2.91
CA GLU A 88 0.46 -21.82 2.61
C GLU A 88 0.41 -21.33 1.16
N LYS A 89 -0.80 -21.18 0.64
CA LYS A 89 -1.08 -20.62 -0.68
C LYS A 89 -0.27 -19.31 -0.93
N ASN A 90 -0.25 -18.44 0.09
CA ASN A 90 0.47 -17.18 0.05
C ASN A 90 1.98 -17.28 0.16
N GLY A 91 2.55 -18.46 0.34
CA GLY A 91 3.98 -18.61 0.36
C GLY A 91 4.57 -18.73 1.74
N ASP A 92 3.90 -18.37 2.82
CA ASP A 92 4.45 -18.54 4.17
C ASP A 92 4.63 -20.03 4.51
N VAL A 93 5.82 -20.35 5.04
CA VAL A 93 6.23 -21.69 5.46
C VAL A 93 5.41 -22.19 6.66
N ILE A 94 4.90 -23.41 6.59
CA ILE A 94 4.19 -24.04 7.69
C ILE A 94 5.19 -25.02 8.31
N GLU A 95 5.39 -25.03 9.63
CA GLU A 95 6.29 -25.99 10.22
C GLU A 95 5.55 -27.04 11.05
N LEU A 96 5.92 -28.26 10.67
CA LEU A 96 5.43 -29.48 11.25
C LEU A 96 6.49 -29.99 12.23
N LYS A 97 6.54 -29.45 13.46
CA LYS A 97 7.64 -29.71 14.37
C LYS A 97 7.37 -30.67 15.51
N TYR A 98 6.31 -30.43 16.28
CA TYR A 98 6.09 -31.21 17.50
C TYR A 98 4.83 -32.05 17.37
N PRO A 99 4.92 -33.39 17.07
CA PRO A 99 3.77 -34.31 17.06
C PRO A 99 3.10 -34.40 18.43
N LEU A 100 1.85 -33.99 18.43
CA LEU A 100 1.02 -34.04 19.61
C LEU A 100 0.24 -35.35 19.61
N ASN A 101 0.49 -36.00 20.75
CA ASN A 101 -0.17 -37.16 21.32
C ASN A 101 -0.42 -38.51 20.65
N SER B 1 -17.19 -26.92 12.74
CA SER B 1 -16.53 -26.52 11.50
C SER B 1 -15.17 -25.92 11.90
N VAL B 2 -14.34 -25.33 11.02
CA VAL B 2 -13.08 -24.60 11.27
C VAL B 2 -12.71 -23.93 9.94
N LEU B 3 -11.74 -23.02 9.88
CA LEU B 3 -11.34 -22.45 8.62
C LEU B 3 -10.10 -23.15 8.04
N PTR B 4 -10.03 -23.33 6.72
CA PTR B 4 -8.94 -24.03 6.07
C PTR B 4 -7.96 -23.18 5.30
O PTR B 4 -8.29 -22.11 4.78
CB PTR B 4 -9.51 -25.08 5.14
CG PTR B 4 -10.10 -26.17 6.01
CD1 PTR B 4 -11.39 -26.01 6.51
CD2 PTR B 4 -9.28 -27.26 6.34
CE1 PTR B 4 -11.87 -26.96 7.39
CE2 PTR B 4 -9.74 -28.22 7.21
CZ PTR B 4 -11.03 -28.02 7.70
OH PTR B 4 -11.55 -28.96 8.63
P PTR B 4 -12.28 -30.36 8.32
O1P PTR B 4 -13.55 -30.13 7.63
O2P PTR B 4 -12.55 -31.04 9.60
O3P PTR B 4 -11.41 -31.18 7.46
N THR B 5 -6.74 -23.70 5.26
CA THR B 5 -5.61 -23.05 4.61
C THR B 5 -5.20 -23.91 3.43
N ALA B 6 -5.14 -23.32 2.24
CA ALA B 6 -4.66 -23.99 1.05
C ALA B 6 -3.16 -23.87 1.15
N VAL B 7 -2.53 -24.84 0.50
CA VAL B 7 -1.10 -24.99 0.46
C VAL B 7 -0.53 -24.69 -0.92
N GLN B 8 0.67 -24.17 -1.02
CA GLN B 8 1.35 -23.89 -2.29
C GLN B 8 2.29 -25.08 -2.51
N PRO B 9 2.19 -25.73 -3.67
CA PRO B 9 3.19 -26.72 -4.07
C PRO B 9 4.59 -26.18 -4.39
N MET C 1 3.50 17.90 -11.21
CA MET C 1 3.95 19.01 -10.40
C MET C 1 4.47 18.51 -9.03
N ARG C 2 5.25 19.20 -8.17
CA ARG C 2 5.86 18.68 -6.94
C ARG C 2 5.21 19.35 -5.75
N ARG C 3 5.82 19.64 -4.56
CA ARG C 3 5.09 20.26 -3.45
C ARG C 3 5.31 21.73 -3.02
N TRP C 4 4.51 22.29 -3.89
CA TRP C 4 4.08 23.65 -3.94
C TRP C 4 2.71 23.45 -4.64
N PHE C 5 2.37 22.26 -5.22
CA PHE C 5 1.16 22.02 -6.00
C PHE C 5 0.06 21.57 -5.06
N HIS C 6 -1.01 22.36 -4.99
CA HIS C 6 -2.20 22.06 -4.18
C HIS C 6 -3.38 21.98 -5.13
N PRO C 7 -3.66 20.79 -5.68
CA PRO C 7 -4.74 20.58 -6.63
C PRO C 7 -6.14 20.90 -6.14
N ASN C 8 -6.39 20.85 -4.83
CA ASN C 8 -7.76 20.97 -4.35
C ASN C 8 -8.11 22.30 -3.69
N ILE C 9 -7.07 23.09 -3.40
CA ILE C 9 -7.23 24.35 -2.69
C ILE C 9 -7.90 25.37 -3.59
N THR C 10 -8.72 26.19 -2.92
CA THR C 10 -9.36 27.34 -3.54
C THR C 10 -8.38 28.51 -3.41
N GLY C 11 -8.61 29.59 -4.15
CA GLY C 11 -7.88 30.83 -4.01
C GLY C 11 -8.00 31.49 -2.63
N VAL C 12 -9.15 31.41 -1.95
CA VAL C 12 -9.23 32.06 -0.66
C VAL C 12 -8.59 31.18 0.41
N GLU C 13 -8.57 29.90 0.11
CA GLU C 13 -7.90 28.96 0.98
C GLU C 13 -6.39 29.18 0.89
N ALA C 14 -5.96 29.50 -0.33
CA ALA C 14 -4.55 29.62 -0.56
C ALA C 14 -4.07 30.87 0.15
N GLU C 15 -4.87 31.95 0.04
CA GLU C 15 -4.63 33.18 0.77
C GLU C 15 -4.51 32.88 2.26
N ASN C 16 -5.60 32.34 2.86
CA ASN C 16 -5.57 32.03 4.28
C ASN C 16 -4.36 31.15 4.66
N LEU C 17 -4.08 30.07 3.93
CA LEU C 17 -2.98 29.17 4.26
C LEU C 17 -1.62 29.86 4.22
N LEU C 18 -1.45 30.74 3.26
CA LEU C 18 -0.18 31.41 3.10
C LEU C 18 -0.01 32.48 4.15
N LEU C 19 -1.11 33.15 4.54
CA LEU C 19 -0.96 34.18 5.57
C LEU C 19 -0.85 33.56 6.97
N THR C 20 -1.39 32.36 7.15
CA THR C 20 -1.32 31.58 8.38
C THR C 20 -0.01 30.79 8.55
N ARG C 21 0.28 29.81 7.68
CA ARG C 21 1.44 28.91 7.77
C ARG C 21 2.63 29.39 6.95
N GLY C 22 2.28 30.00 5.82
CA GLY C 22 3.30 30.57 4.96
C GLY C 22 4.02 31.70 5.67
N VAL C 23 5.14 32.10 5.07
CA VAL C 23 5.99 33.18 5.54
C VAL C 23 6.21 34.02 4.29
N ASP C 24 6.85 35.18 4.36
CA ASP C 24 7.05 35.95 3.17
C ASP C 24 7.99 35.17 2.26
N GLY C 25 7.61 35.10 1.00
CA GLY C 25 8.39 34.39 0.00
C GLY C 25 7.79 33.03 -0.29
N SER C 26 6.93 32.50 0.62
CA SER C 26 6.18 31.25 0.42
C SER C 26 5.21 31.35 -0.75
N PHE C 27 5.13 30.32 -1.58
CA PHE C 27 4.20 30.36 -2.69
C PHE C 27 3.65 28.97 -2.90
N LEU C 28 2.69 28.83 -3.82
CA LEU C 28 2.12 27.53 -4.20
C LEU C 28 1.53 27.68 -5.60
N ALA C 29 1.23 26.54 -6.23
CA ALA C 29 0.50 26.48 -7.49
C ALA C 29 -0.78 25.68 -7.24
N ARG C 30 -1.86 26.11 -7.88
CA ARG C 30 -3.22 25.62 -7.72
C ARG C 30 -3.98 25.75 -9.03
N PRO C 31 -5.00 24.96 -9.30
CA PRO C 31 -5.85 25.12 -10.48
C PRO C 31 -6.54 26.49 -10.53
N SER C 32 -6.88 27.01 -11.70
CA SER C 32 -7.58 28.27 -11.77
C SER C 32 -9.07 28.03 -11.60
N LYS C 33 -9.68 28.95 -10.85
CA LYS C 33 -11.12 28.95 -10.70
C LYS C 33 -11.78 29.77 -11.81
N SER C 34 -11.28 31.00 -12.01
CA SER C 34 -11.77 31.99 -12.96
C SER C 34 -11.70 31.53 -14.40
N ASN C 35 -10.66 30.75 -14.67
CA ASN C 35 -10.42 30.31 -16.01
C ASN C 35 -9.98 28.85 -15.98
N PRO C 36 -10.93 27.92 -15.75
CA PRO C 36 -10.65 26.53 -15.46
C PRO C 36 -9.76 26.02 -16.58
N GLY C 37 -8.64 25.38 -16.27
CA GLY C 37 -7.75 24.90 -17.31
C GLY C 37 -6.38 25.48 -17.00
N ASP C 38 -6.40 26.76 -16.67
CA ASP C 38 -5.25 27.42 -16.16
C ASP C 38 -4.92 27.05 -14.70
N PHE C 39 -3.77 27.56 -14.28
CA PHE C 39 -3.26 27.41 -12.94
C PHE C 39 -3.02 28.81 -12.39
N THR C 40 -2.58 28.91 -11.14
CA THR C 40 -2.27 30.21 -10.57
C THR C 40 -1.14 29.98 -9.57
N LEU C 41 -0.27 30.96 -9.41
CA LEU C 41 0.76 30.96 -8.40
C LEU C 41 0.22 31.89 -7.33
N SER C 42 0.22 31.47 -6.09
CA SER C 42 -0.22 32.36 -5.01
C SER C 42 1.08 32.57 -4.23
N VAL C 43 1.45 33.81 -3.92
CA VAL C 43 2.74 34.12 -3.30
C VAL C 43 2.54 35.09 -2.14
N ARG C 44 3.01 34.79 -0.91
CA ARG C 44 2.94 35.74 0.18
C ARG C 44 4.12 36.71 0.01
N ARG C 45 3.82 37.98 -0.10
CA ARG C 45 4.78 39.02 -0.39
C ARG C 45 4.13 40.34 -0.03
N ASN C 46 4.88 41.31 0.49
CA ASN C 46 4.35 42.61 0.90
C ASN C 46 3.35 42.47 2.05
N GLY C 47 3.42 41.36 2.80
CA GLY C 47 2.49 41.05 3.88
C GLY C 47 1.08 40.85 3.34
N ALA C 48 1.05 40.38 2.10
CA ALA C 48 -0.14 40.24 1.28
C ALA C 48 0.10 39.03 0.39
N VAL C 49 -0.85 38.62 -0.45
CA VAL C 49 -0.75 37.43 -1.30
C VAL C 49 -1.03 37.95 -2.71
N THR C 50 -0.19 37.56 -3.65
CA THR C 50 -0.33 37.90 -5.04
C THR C 50 -0.77 36.64 -5.81
N HIS C 51 -1.67 36.72 -6.76
CA HIS C 51 -2.16 35.60 -7.53
C HIS C 51 -1.73 35.88 -8.95
N ILE C 52 -0.87 35.04 -9.56
CA ILE C 52 -0.42 35.20 -10.95
C ILE C 52 -0.97 34.05 -11.78
N LYS C 53 -1.58 34.35 -12.93
CA LYS C 53 -2.19 33.37 -13.83
C LYS C 53 -1.16 32.65 -14.66
N ILE C 54 -1.36 31.35 -14.74
CA ILE C 54 -0.48 30.54 -15.52
C ILE C 54 -1.31 30.08 -16.72
N GLN C 55 -1.00 30.48 -17.95
CA GLN C 55 -1.69 29.91 -19.11
C GLN C 55 -1.32 28.46 -19.38
N ASN C 56 -2.32 27.61 -19.53
CA ASN C 56 -2.10 26.27 -20.05
C ASN C 56 -2.82 26.20 -21.41
N THR C 57 -2.04 26.39 -22.48
CA THR C 57 -2.59 26.40 -23.84
C THR C 57 -3.00 25.04 -24.40
N GLY C 58 -2.60 23.98 -23.72
CA GLY C 58 -2.79 22.64 -24.24
C GLY C 58 -1.44 22.16 -24.77
N ASP C 59 -0.64 23.10 -25.25
CA ASP C 59 0.66 22.80 -25.77
C ASP C 59 1.73 23.23 -24.82
N TYR C 60 1.53 24.32 -24.07
CA TYR C 60 2.58 24.81 -23.16
C TYR C 60 1.99 25.65 -22.03
N TYR C 61 2.85 26.00 -21.07
CA TYR C 61 2.50 26.82 -19.92
C TYR C 61 3.38 28.05 -19.92
N ASP C 62 2.87 29.17 -19.40
CA ASP C 62 3.65 30.40 -19.31
C ASP C 62 2.85 31.36 -18.48
N LEU C 63 3.37 32.55 -18.18
CA LEU C 63 2.64 33.54 -17.38
C LEU C 63 2.03 34.60 -18.29
N TYR C 64 1.24 34.11 -19.26
CA TYR C 64 0.64 34.90 -20.33
C TYR C 64 1.66 35.82 -20.97
N GLY C 65 2.79 35.18 -21.26
CA GLY C 65 3.91 35.83 -21.89
C GLY C 65 5.13 35.31 -21.15
N GLY C 66 6.29 35.69 -21.67
CA GLY C 66 7.57 35.25 -21.12
C GLY C 66 7.90 33.85 -21.65
N GLU C 67 8.89 33.22 -21.01
CA GLU C 67 9.38 31.92 -21.40
C GLU C 67 8.27 30.85 -21.38
N LYS C 68 8.21 29.94 -22.36
CA LYS C 68 7.16 28.91 -22.44
C LYS C 68 7.73 27.57 -22.02
N PHE C 69 6.93 26.68 -21.45
CA PHE C 69 7.40 25.44 -20.86
C PHE C 69 6.46 24.29 -21.15
N ALA C 70 7.01 23.09 -21.28
CA ALA C 70 6.23 21.87 -21.52
C ALA C 70 5.26 21.43 -20.42
N THR C 71 5.61 21.75 -19.19
CA THR C 71 5.00 21.26 -17.98
C THR C 71 4.95 22.42 -16.96
N LEU C 72 4.05 22.32 -16.01
CA LEU C 72 3.91 23.30 -14.95
C LEU C 72 5.09 23.10 -14.03
N ALA C 73 5.58 21.88 -13.74
CA ALA C 73 6.79 21.75 -12.92
C ALA C 73 8.01 22.51 -13.49
N GLU C 74 8.26 22.45 -14.82
CA GLU C 74 9.34 23.19 -15.51
C GLU C 74 9.22 24.68 -15.37
N LEU C 75 7.96 25.15 -15.27
CA LEU C 75 7.58 26.56 -15.09
C LEU C 75 8.00 27.05 -13.72
N VAL C 76 7.56 26.36 -12.69
CA VAL C 76 7.87 26.81 -11.34
C VAL C 76 9.36 26.62 -11.13
N GLN C 77 9.97 25.54 -11.61
CA GLN C 77 11.39 25.39 -11.42
C GLN C 77 12.19 26.51 -12.08
N TYR C 78 11.85 26.99 -13.30
CA TYR C 78 12.63 28.07 -13.91
C TYR C 78 12.48 29.32 -13.06
N TYR C 79 11.27 29.79 -12.79
CA TYR C 79 11.01 30.97 -12.00
C TYR C 79 11.53 30.89 -10.55
N MET C 80 11.76 29.67 -10.05
CA MET C 80 12.48 29.46 -8.80
C MET C 80 13.98 29.58 -9.01
N GLU C 81 14.50 29.18 -10.18
CA GLU C 81 15.91 29.23 -10.48
C GLU C 81 16.38 30.64 -10.80
N HIS C 82 15.67 31.35 -11.68
CA HIS C 82 16.12 32.65 -12.12
C HIS C 82 15.27 33.56 -11.32
N HIS C 83 15.99 34.00 -10.31
CA HIS C 83 15.43 34.93 -9.38
C HIS C 83 15.32 36.29 -10.11
N GLY C 84 14.19 36.98 -9.94
CA GLY C 84 14.01 38.32 -10.48
C GLY C 84 13.58 38.36 -11.94
N GLN C 85 12.88 37.31 -12.33
CA GLN C 85 12.29 37.24 -13.66
C GLN C 85 10.89 37.82 -13.58
N LEU C 86 10.28 37.68 -12.39
CA LEU C 86 8.96 38.18 -12.20
C LEU C 86 9.00 39.58 -11.68
N LYS C 87 8.37 40.42 -12.49
CA LYS C 87 8.22 41.80 -12.18
C LYS C 87 6.78 42.17 -12.44
N GLU C 88 6.27 43.02 -11.58
CA GLU C 88 4.97 43.62 -11.71
C GLU C 88 5.05 44.75 -12.73
N LYS C 89 3.91 45.35 -13.12
CA LYS C 89 3.87 46.48 -14.02
C LYS C 89 4.64 47.70 -13.49
N ASN C 90 4.54 47.96 -12.19
CA ASN C 90 5.30 49.04 -11.55
C ASN C 90 6.78 48.66 -11.40
N GLY C 91 7.14 47.42 -11.67
CA GLY C 91 8.51 47.04 -11.55
C GLY C 91 8.76 46.15 -10.37
N ASP C 92 7.89 46.08 -9.32
CA ASP C 92 8.21 45.25 -8.15
C ASP C 92 8.29 43.76 -8.43
N VAL C 93 9.43 43.23 -8.01
CA VAL C 93 9.81 41.83 -8.20
C VAL C 93 8.94 40.93 -7.32
N ILE C 94 8.57 39.85 -7.97
CA ILE C 94 7.83 38.81 -7.30
C ILE C 94 8.90 37.73 -7.20
N GLU C 95 9.03 37.09 -6.07
CA GLU C 95 9.99 36.03 -5.95
C GLU C 95 9.36 34.75 -5.43
N LEU C 96 9.53 33.64 -6.16
CA LEU C 96 8.96 32.37 -5.74
C LEU C 96 10.05 31.78 -4.89
N LYS C 97 10.08 32.08 -3.59
CA LYS C 97 11.18 31.65 -2.76
C LYS C 97 10.94 30.32 -2.05
N TYR C 98 9.83 30.14 -1.32
CA TYR C 98 9.70 28.96 -0.49
C TYR C 98 8.46 28.19 -0.86
N PRO C 99 8.57 27.06 -1.60
CA PRO C 99 7.43 26.16 -1.91
C PRO C 99 6.62 25.79 -0.67
N LEU C 100 5.30 26.01 -0.53
CA LEU C 100 4.59 25.64 0.70
C LEU C 100 3.89 24.36 0.36
N ASN C 101 4.09 23.36 1.21
CA ASN C 101 3.76 21.94 0.96
C ASN C 101 2.36 21.58 1.38
N VAL D 2 -10.80 36.63 -5.74
CA VAL D 2 -9.38 36.80 -5.47
C VAL D 2 -8.98 37.77 -6.59
N LEU D 3 -7.93 38.56 -6.41
CA LEU D 3 -7.51 39.48 -7.45
C LEU D 3 -6.27 38.89 -8.11
N PTR D 4 -6.06 39.22 -9.39
CA PTR D 4 -4.93 38.75 -10.19
C PTR D 4 -3.97 39.89 -10.49
O PTR D 4 -4.38 41.02 -10.76
CB PTR D 4 -5.43 38.11 -11.52
CG PTR D 4 -6.00 36.75 -11.20
CD1 PTR D 4 -5.09 35.78 -10.85
CD2 PTR D 4 -7.37 36.56 -11.07
CE1 PTR D 4 -5.54 34.61 -10.31
CE2 PTR D 4 -7.85 35.37 -10.53
CZ PTR D 4 -6.89 34.45 -10.15
OH PTR D 4 -7.22 33.26 -9.48
P PTR D 4 -8.22 32.14 -9.98
O1P PTR D 4 -9.55 32.40 -9.36
O2P PTR D 4 -7.70 30.84 -9.51
O3P PTR D 4 -8.31 32.15 -11.45
N THR D 5 -2.67 39.58 -10.45
CA THR D 5 -1.65 40.56 -10.71
C THR D 5 -0.95 40.15 -12.00
N ALA D 6 -1.03 41.08 -12.96
CA ALA D 6 -0.38 40.98 -14.26
C ALA D 6 1.13 41.11 -14.11
N VAL D 7 1.76 40.17 -14.75
CA VAL D 7 3.18 40.10 -14.76
C VAL D 7 3.74 40.72 -16.03
N GLN D 8 4.85 41.45 -15.86
CA GLN D 8 5.51 42.16 -16.94
C GLN D 8 6.65 41.33 -17.52
N PRO D 9 6.62 40.91 -18.80
CA PRO D 9 7.78 40.36 -19.51
C PRO D 9 8.59 41.27 -20.45
#